data_7AIX
#
_entry.id   7AIX
#
_cell.length_a   112.838
_cell.length_b   112.838
_cell.length_c   136.765
_cell.angle_alpha   90.000
_cell.angle_beta   90.000
_cell.angle_gamma   120.000
#
_symmetry.space_group_name_H-M   'P 31 2 1'
#
loop_
_entity.id
_entity.type
_entity.pdbx_description
1 polymer Acetylcholinesterase
2 non-polymer 2-{1-[4-(12-Amino-3-chloro-6,7,10,11-tetrahydro-7,11-methanocycloocta[b]quinolin-9-yl)butyl]-1H-1,2,3-triazol-4-yl}-N-[4-hydroxy-3-methoxybenzyl]acetamide
3 non-polymer DI(HYDROXYETHYL)ETHER
4 non-polymer 'CHLORIDE ION'
5 water water
#
_entity_poly.entity_id   1
_entity_poly.type   'polypeptide(L)'
_entity_poly.pdbx_seq_one_letter_code
;MNLLVTSSLGVLLHLVVLCQADDHSELLVNTKSGKVMGTRVPVLSSHISAFLGIPFAEPPVGNMRFRRPEPKKPWSGVWN
ASTYPNNCQQYVDEQFPGFSGSEMWNPNREMSEDCLYLNIWVPSPRPKSTTVMVWIYGGGFYSGSSTLDVYNGKYLAYTE
EVVLVSLSYRVGAFGFLALHGSQEAPGNVGLLDQRMALQWVHDNIQFFGGDPKTVTIFGESAGGASVGMHILSPGSRDLF
RRAILQSGSPNCPWASVSVAEGRRRAVELGRNLNCNLNSDEELIHCLREKKPQELIDVEWNVLPFDSIFRFSFVPVIDGE
FFPTSLESMLNSGNFKKTQILLGVNKDEGSFFLLYGAPGFSKDSESKISREDFMSGVKLSVPHANDLGLDAVTLQYTDWM
DDNNGIKNRDGLDDIVGDHNVICPLMHFVNKYTKFGNGTYLYFFNHRASNLVWPEWMGVIHGYEIEFVFGLPLVKELNYT
AEEEALSRRIMHYWATFAKTGNPNEPHSQESKWPLFTTKEQKFIDLNTEPMKVHQRLRVQMCVFWNQFLPKLLNATACDG
ELSSSGTSSSKGIIFYVLFSILYLIF
;
_entity_poly.pdbx_strand_id   A
#
loop_
_chem_comp.id
_chem_comp.type
_chem_comp.name
_chem_comp.formula
8U2 non-polymer 2-{1-[4-(12-Amino-3-chloro-6,7,10,11-tetrahydro-7,11-methanocycloocta[b]quinolin-9-yl)butyl]-1H-1,2,3-triazol-4-yl}-N-[4-hydroxy-3-methoxybenzyl]acetamide 'C32 H37 Cl N6 O3'
CL non-polymer 'CHLORIDE ION' 'Cl -1'
PEG non-polymer DI(HYDROXYETHYL)ETHER 'C4 H10 O3'
#
# COMPACT_ATOMS: atom_id res chain seq x y z
N SER A 25 -12.39 27.79 -16.59
CA SER A 25 -11.67 27.54 -17.84
C SER A 25 -10.46 26.66 -17.57
N GLU A 26 -9.58 27.14 -16.70
CA GLU A 26 -8.53 26.29 -16.15
C GLU A 26 -9.10 25.08 -15.42
N LEU A 27 -10.35 25.18 -14.96
CA LEU A 27 -11.03 24.13 -14.22
C LEU A 27 -11.90 23.24 -15.11
N LEU A 28 -11.92 23.47 -16.41
CA LEU A 28 -12.68 22.63 -17.34
C LEU A 28 -11.71 21.87 -18.22
N VAL A 29 -11.88 20.55 -18.29
CA VAL A 29 -11.00 19.69 -19.07
C VAL A 29 -11.87 18.74 -19.88
N ASN A 30 -11.64 18.69 -21.19
CA ASN A 30 -12.29 17.69 -22.03
CA ASN A 30 -12.27 17.71 -22.06
C ASN A 30 -11.41 16.45 -22.09
N THR A 31 -11.95 15.32 -21.67
CA THR A 31 -11.25 14.05 -21.75
C THR A 31 -11.96 13.17 -22.77
N LYS A 32 -11.37 12.01 -23.03
CA LYS A 32 -11.98 11.05 -23.95
C LYS A 32 -13.29 10.45 -23.41
N SER A 33 -13.54 10.47 -22.11
CA SER A 33 -14.84 10.02 -21.61
C SER A 33 -15.81 11.16 -21.37
N GLY A 34 -15.39 12.41 -21.59
CA GLY A 34 -16.28 13.53 -21.39
C GLY A 34 -15.64 14.70 -20.67
N LYS A 35 -16.39 15.79 -20.48
CA LYS A 35 -15.86 16.97 -19.83
C LYS A 35 -15.97 16.84 -18.32
N VAL A 36 -15.00 17.42 -17.61
CA VAL A 36 -14.93 17.41 -16.16
CA VAL A 36 -14.95 17.42 -16.16
C VAL A 36 -14.67 18.85 -15.69
N MET A 37 -15.35 19.25 -14.62
CA MET A 37 -15.18 20.57 -14.02
CA MET A 37 -15.16 20.57 -14.03
C MET A 37 -14.56 20.42 -12.64
N GLY A 38 -13.37 20.95 -12.45
CA GLY A 38 -12.67 20.86 -11.20
C GLY A 38 -13.01 22.00 -10.26
N THR A 39 -12.15 22.19 -9.26
CA THR A 39 -12.31 23.25 -8.29
C THR A 39 -10.93 23.81 -7.95
N ARG A 40 -10.91 25.10 -7.60
CA ARG A 40 -9.67 25.77 -7.22
CA ARG A 40 -9.68 25.79 -7.21
C ARG A 40 -9.49 25.63 -5.72
N VAL A 41 -8.38 25.02 -5.31
CA VAL A 41 -8.19 24.78 -3.87
C VAL A 41 -6.98 25.55 -3.37
N PRO A 42 -7.05 26.11 -2.17
CA PRO A 42 -5.89 26.79 -1.61
C PRO A 42 -4.88 25.77 -1.12
N VAL A 43 -3.60 26.09 -1.30
CA VAL A 43 -2.52 25.26 -0.78
C VAL A 43 -1.40 26.18 -0.33
N LEU A 44 -1.05 26.09 0.96
CA LEU A 44 -0.14 27.00 1.61
C LEU A 44 -0.63 28.43 1.36
N SER A 45 0.12 29.24 0.62
CA SER A 45 -0.26 30.62 0.34
CA SER A 45 -0.31 30.61 0.34
C SER A 45 -0.62 30.83 -1.13
N SER A 46 -0.96 29.78 -1.85
CA SER A 46 -1.29 29.86 -3.27
C SER A 46 -2.53 29.00 -3.52
N HIS A 47 -2.71 28.58 -4.77
CA HIS A 47 -3.83 27.76 -5.18
C HIS A 47 -3.39 26.77 -6.24
N ILE A 48 -4.13 25.67 -6.37
CA ILE A 48 -4.01 24.75 -7.48
C ILE A 48 -5.42 24.29 -7.87
N SER A 49 -5.50 23.50 -8.92
CA SER A 49 -6.76 22.93 -9.36
C SER A 49 -6.86 21.50 -8.87
N ALA A 50 -8.08 21.08 -8.56
CA ALA A 50 -8.36 19.74 -8.12
C ALA A 50 -9.55 19.20 -8.91
N PHE A 51 -9.42 17.99 -9.40
CA PHE A 51 -10.49 17.29 -10.10
C PHE A 51 -10.77 16.02 -9.31
N LEU A 52 -11.81 16.04 -8.49
CA LEU A 52 -12.05 15.01 -7.48
C LEU A 52 -13.22 14.13 -7.91
N GLY A 53 -13.04 12.82 -7.73
CA GLY A 53 -14.13 11.90 -8.01
C GLY A 53 -14.45 11.70 -9.48
N ILE A 54 -13.41 11.57 -10.32
CA ILE A 54 -13.62 11.27 -11.73
C ILE A 54 -13.80 9.77 -11.90
N PRO A 55 -14.90 9.33 -12.51
CA PRO A 55 -15.12 7.88 -12.70
C PRO A 55 -14.21 7.32 -13.78
N PHE A 56 -13.61 6.15 -13.50
CA PHE A 56 -12.81 5.47 -14.52
C PHE A 56 -13.37 4.11 -14.86
N ALA A 57 -14.41 3.65 -14.18
CA ALA A 57 -15.02 2.37 -14.47
C ALA A 57 -16.53 2.49 -14.27
N GLU A 58 -17.26 1.54 -14.84
CA GLU A 58 -18.67 1.44 -14.51
C GLU A 58 -18.82 1.00 -13.06
N PRO A 59 -19.82 1.49 -12.34
CA PRO A 59 -20.05 1.06 -10.96
C PRO A 59 -20.17 -0.46 -10.88
N PRO A 60 -19.29 -1.11 -10.07
CA PRO A 60 -19.29 -2.59 -10.00
C PRO A 60 -20.35 -3.12 -9.03
N VAL A 61 -21.61 -2.80 -9.33
CA VAL A 61 -22.71 -3.06 -8.43
C VAL A 61 -23.64 -4.10 -9.05
N GLY A 62 -24.49 -4.69 -8.21
CA GLY A 62 -25.47 -5.63 -8.69
C GLY A 62 -24.82 -6.91 -9.16
N ASN A 63 -25.16 -7.32 -10.40
CA ASN A 63 -24.57 -8.52 -10.98
C ASN A 63 -23.13 -8.32 -11.39
N MET A 64 -22.61 -7.11 -11.25
CA MET A 64 -21.19 -6.86 -11.51
CA MET A 64 -21.19 -6.85 -11.51
C MET A 64 -20.33 -7.02 -10.26
N ARG A 65 -20.93 -7.31 -9.10
CA ARG A 65 -20.13 -7.54 -7.90
C ARG A 65 -19.23 -8.75 -8.15
N PHE A 66 -17.95 -8.62 -7.80
CA PHE A 66 -16.89 -9.60 -7.93
C PHE A 66 -16.36 -9.71 -9.36
N ARG A 67 -16.98 -9.06 -10.34
CA ARG A 67 -16.59 -9.17 -11.74
CA ARG A 67 -16.56 -9.19 -11.72
C ARG A 67 -15.46 -8.18 -12.07
N ARG A 68 -14.70 -8.50 -13.11
CA ARG A 68 -13.69 -7.56 -13.57
C ARG A 68 -14.35 -6.22 -13.92
N PRO A 69 -13.63 -5.11 -13.76
CA PRO A 69 -14.26 -3.82 -14.01
C PRO A 69 -14.46 -3.60 -15.51
N GLU A 70 -15.46 -2.81 -15.86
CA GLU A 70 -15.65 -2.37 -17.23
C GLU A 70 -15.35 -0.88 -17.34
N PRO A 71 -14.85 -0.41 -18.49
CA PRO A 71 -14.57 1.03 -18.64
C PRO A 71 -15.82 1.86 -18.46
N LYS A 72 -15.65 3.05 -17.91
CA LYS A 72 -16.78 3.95 -17.74
C LYS A 72 -17.28 4.41 -19.10
N LYS A 73 -18.58 4.28 -19.33
CA LYS A 73 -19.15 4.74 -20.58
C LYS A 73 -19.09 6.27 -20.65
N PRO A 74 -18.72 6.84 -21.79
CA PRO A 74 -18.59 8.29 -21.88
C PRO A 74 -19.91 8.97 -21.56
N TRP A 75 -19.82 10.17 -21.00
CA TRP A 75 -21.00 10.89 -20.51
C TRP A 75 -21.18 12.18 -21.29
N SER A 76 -22.43 12.59 -21.44
CA SER A 76 -22.75 13.91 -21.95
C SER A 76 -22.79 14.91 -20.80
N GLY A 77 -22.59 16.17 -21.13
CA GLY A 77 -22.56 17.20 -20.12
C GLY A 77 -21.20 17.29 -19.45
N VAL A 78 -21.20 17.98 -18.31
CA VAL A 78 -19.98 18.29 -17.58
C VAL A 78 -20.01 17.52 -16.26
N TRP A 79 -18.99 16.70 -16.02
CA TRP A 79 -18.90 15.98 -14.76
C TRP A 79 -18.43 16.92 -13.67
N ASN A 80 -19.20 16.98 -12.58
CA ASN A 80 -18.86 17.83 -11.44
C ASN A 80 -17.77 17.12 -10.64
N ALA A 81 -16.53 17.56 -10.80
CA ALA A 81 -15.40 16.96 -10.10
C ALA A 81 -14.90 17.87 -8.99
N SER A 82 -15.82 18.44 -8.21
CA SER A 82 -15.44 19.39 -7.19
C SER A 82 -15.41 18.78 -5.79
N THR A 83 -15.93 17.57 -5.61
CA THR A 83 -16.01 16.94 -4.29
C THR A 83 -15.49 15.51 -4.34
N TYR A 84 -14.97 15.05 -3.19
CA TYR A 84 -14.44 13.70 -3.06
C TYR A 84 -15.52 12.66 -3.37
N PRO A 85 -15.14 11.52 -3.93
CA PRO A 85 -16.09 10.43 -4.17
C PRO A 85 -16.37 9.63 -2.90
N ASN A 86 -17.33 8.70 -3.02
CA ASN A 86 -17.53 7.66 -2.03
C ASN A 86 -16.27 6.82 -1.87
N ASN A 87 -16.11 6.22 -0.68
CA ASN A 87 -15.10 5.21 -0.42
C ASN A 87 -15.69 3.82 -0.64
N CYS A 88 -14.81 2.86 -0.94
CA CYS A 88 -15.30 1.51 -1.16
C CYS A 88 -15.76 0.89 0.17
N GLN A 89 -16.64 -0.10 0.05
CA GLN A 89 -17.16 -0.78 1.24
C GLN A 89 -16.04 -1.52 1.94
N GLN A 90 -15.94 -1.36 3.26
CA GLN A 90 -14.79 -1.92 3.95
C GLN A 90 -15.04 -2.02 5.45
N TYR A 91 -14.27 -2.89 6.07
CA TYR A 91 -14.14 -2.94 7.52
C TYR A 91 -13.66 -1.59 8.05
N VAL A 92 -14.25 -1.15 9.17
CA VAL A 92 -13.91 0.14 9.78
C VAL A 92 -13.35 -0.11 11.16
N ASP A 93 -12.19 0.48 11.45
CA ASP A 93 -11.50 0.29 12.72
C ASP A 93 -12.17 1.12 13.81
N GLU A 94 -12.76 0.44 14.81
CA GLU A 94 -13.38 1.08 15.95
CA GLU A 94 -13.34 1.14 15.95
C GLU A 94 -12.68 0.73 17.27
N GLN A 95 -11.41 0.31 17.21
CA GLN A 95 -10.74 -0.12 18.44
CA GLN A 95 -10.72 -0.12 18.43
C GLN A 95 -10.47 1.05 19.38
N PHE A 96 -10.32 2.26 18.85
CA PHE A 96 -10.07 3.45 19.67
C PHE A 96 -10.97 4.58 19.21
N PRO A 97 -12.27 4.53 19.56
CA PRO A 97 -13.22 5.51 19.03
C PRO A 97 -12.85 6.93 19.43
N GLY A 98 -12.90 7.83 18.45
CA GLY A 98 -12.52 9.22 18.64
C GLY A 98 -11.02 9.48 18.62
N PHE A 99 -10.20 8.45 18.64
CA PHE A 99 -8.74 8.61 18.64
C PHE A 99 -8.28 8.93 17.22
N SER A 100 -7.61 10.07 17.06
CA SER A 100 -7.22 10.49 15.71
C SER A 100 -6.20 9.54 15.09
N GLY A 101 -5.38 8.88 15.90
CA GLY A 101 -4.34 8.02 15.35
C GLY A 101 -4.89 6.87 14.52
N SER A 102 -6.04 6.34 14.91
CA SER A 102 -6.69 5.27 14.17
C SER A 102 -7.78 5.78 13.24
N GLU A 103 -8.54 6.80 13.66
CA GLU A 103 -9.63 7.27 12.81
C GLU A 103 -9.13 7.98 11.56
N MET A 104 -7.91 8.50 11.55
CA MET A 104 -7.36 9.16 10.36
C MET A 104 -7.23 8.20 9.18
N TRP A 105 -7.32 6.88 9.42
CA TRP A 105 -7.21 5.89 8.37
C TRP A 105 -8.56 5.39 7.89
N ASN A 106 -9.63 5.67 8.63
CA ASN A 106 -10.96 5.19 8.30
C ASN A 106 -11.56 5.97 7.15
N PRO A 107 -12.55 5.40 6.47
CA PRO A 107 -13.27 6.15 5.44
C PRO A 107 -13.81 7.45 5.99
N ASN A 108 -13.55 8.56 5.28
CA ASN A 108 -14.04 9.87 5.66
C ASN A 108 -15.18 10.33 4.75
N ARG A 109 -15.65 9.45 3.88
CA ARG A 109 -16.81 9.70 3.05
CA ARG A 109 -16.78 9.68 3.01
C ARG A 109 -17.76 8.52 3.20
N GLU A 110 -18.96 8.66 2.67
CA GLU A 110 -19.90 7.55 2.75
C GLU A 110 -19.36 6.37 1.94
N MET A 111 -19.54 5.16 2.48
CA MET A 111 -19.11 3.96 1.78
C MET A 111 -20.17 3.51 0.78
N SER A 112 -19.70 2.95 -0.34
CA SER A 112 -20.57 2.50 -1.40
C SER A 112 -19.81 1.52 -2.28
N GLU A 113 -20.53 0.54 -2.82
CA GLU A 113 -19.92 -0.28 -3.86
C GLU A 113 -19.65 0.54 -5.12
N ASP A 114 -20.33 1.67 -5.27
CA ASP A 114 -20.08 2.63 -6.35
C ASP A 114 -18.91 3.51 -5.92
N CYS A 115 -17.69 3.05 -6.20
CA CYS A 115 -16.52 3.69 -5.59
C CYS A 115 -15.30 3.77 -6.49
N LEU A 116 -15.41 3.41 -7.78
CA LEU A 116 -14.25 3.41 -8.68
C LEU A 116 -14.07 4.79 -9.30
N TYR A 117 -13.39 5.67 -8.56
CA TYR A 117 -13.13 7.04 -8.96
C TYR A 117 -11.66 7.36 -8.73
N LEU A 118 -11.16 8.36 -9.45
CA LEU A 118 -9.83 8.89 -9.15
C LEU A 118 -9.90 10.39 -8.96
N ASN A 119 -8.82 10.92 -8.37
CA ASN A 119 -8.67 12.32 -8.02
C ASN A 119 -7.37 12.83 -8.63
N ILE A 120 -7.38 14.08 -9.09
CA ILE A 120 -6.22 14.68 -9.74
C ILE A 120 -5.98 16.07 -9.18
N TRP A 121 -4.75 16.32 -8.74
CA TRP A 121 -4.31 17.65 -8.36
C TRP A 121 -3.35 18.16 -9.43
N VAL A 122 -3.63 19.35 -9.95
CA VAL A 122 -2.93 19.90 -11.10
C VAL A 122 -2.35 21.27 -10.74
N PRO A 123 -1.05 21.50 -10.93
CA PRO A 123 -0.48 22.82 -10.65
C PRO A 123 -1.22 23.94 -11.40
N SER A 124 -1.10 25.17 -10.89
CA SER A 124 -1.69 26.34 -11.53
C SER A 124 -0.61 27.39 -11.80
N PRO A 125 -0.41 27.80 -13.07
CA PRO A 125 -1.19 27.45 -14.26
C PRO A 125 -1.01 26.00 -14.74
N ARG A 126 -1.97 25.50 -15.51
CA ARG A 126 -1.94 24.11 -15.93
C ARG A 126 -0.68 23.82 -16.72
N PRO A 127 0.11 22.82 -16.33
CA PRO A 127 1.32 22.50 -17.09
C PRO A 127 0.97 21.97 -18.48
N LYS A 128 2.02 21.84 -19.29
CA LYS A 128 1.86 21.29 -20.63
C LYS A 128 2.08 19.78 -20.67
N SER A 129 3.19 19.32 -20.10
CA SER A 129 3.52 17.89 -20.11
C SER A 129 4.48 17.59 -18.96
N THR A 130 3.94 17.46 -17.75
CA THR A 130 4.80 17.35 -16.58
C THR A 130 4.64 15.97 -15.95
N THR A 131 5.61 15.63 -15.11
CA THR A 131 5.66 14.34 -14.42
C THR A 131 4.35 14.06 -13.71
N VAL A 132 3.89 12.81 -13.81
CA VAL A 132 2.68 12.32 -13.16
C VAL A 132 3.07 11.31 -12.08
N MET A 133 2.47 11.43 -10.90
CA MET A 133 2.58 10.40 -9.86
C MET A 133 1.19 9.89 -9.49
N VAL A 134 1.04 8.56 -9.47
CA VAL A 134 -0.24 7.92 -9.17
C VAL A 134 -0.09 7.15 -7.86
N TRP A 135 -0.86 7.56 -6.85
CA TRP A 135 -0.84 6.97 -5.52
C TRP A 135 -1.81 5.80 -5.45
N ILE A 136 -1.34 4.68 -4.90
CA ILE A 136 -2.16 3.49 -4.68
C ILE A 136 -2.21 3.27 -3.17
N TYR A 137 -3.38 3.46 -2.57
CA TYR A 137 -3.43 3.32 -1.11
C TYR A 137 -3.26 1.86 -0.70
N GLY A 138 -2.81 1.69 0.55
CA GLY A 138 -2.73 0.40 1.18
C GLY A 138 -3.85 0.23 2.20
N GLY A 139 -3.72 -0.83 2.99
CA GLY A 139 -4.75 -1.19 3.93
C GLY A 139 -5.01 -2.68 3.90
N GLY A 140 -3.96 -3.47 3.70
CA GLY A 140 -4.08 -4.93 3.75
C GLY A 140 -5.01 -5.54 2.73
N PHE A 141 -5.30 -4.83 1.64
CA PHE A 141 -6.26 -5.27 0.63
C PHE A 141 -7.68 -5.40 1.16
N TYR A 142 -7.92 -5.04 2.43
CA TYR A 142 -9.27 -5.06 3.00
C TYR A 142 -9.80 -3.67 3.33
N SER A 143 -8.98 -2.64 3.24
CA SER A 143 -9.38 -1.29 3.62
C SER A 143 -8.57 -0.29 2.79
N GLY A 144 -8.89 0.98 2.95
CA GLY A 144 -8.19 2.05 2.24
C GLY A 144 -9.14 3.00 1.54
N SER A 145 -8.74 4.28 1.48
CA SER A 145 -9.53 5.32 0.85
C SER A 145 -8.57 6.26 0.12
N SER A 146 -9.00 6.74 -1.04
CA SER A 146 -8.18 7.74 -1.72
C SER A 146 -8.33 9.13 -1.11
N THR A 147 -9.31 9.29 -0.22
CA THR A 147 -9.78 10.60 0.22
C THR A 147 -9.26 11.01 1.58
N LEU A 148 -8.38 10.20 2.19
CA LEU A 148 -7.85 10.51 3.51
C LEU A 148 -7.09 11.83 3.49
N ASP A 149 -7.17 12.57 4.60
CA ASP A 149 -6.41 13.81 4.74
C ASP A 149 -4.92 13.58 4.48
N VAL A 150 -4.39 12.46 4.96
CA VAL A 150 -2.97 12.19 4.78
C VAL A 150 -2.60 11.87 3.33
N TYR A 151 -3.58 11.62 2.45
CA TYR A 151 -3.32 11.41 1.03
C TYR A 151 -3.61 12.64 0.17
N ASN A 152 -3.86 13.80 0.78
CA ASN A 152 -4.18 15.00 0.03
C ASN A 152 -3.00 15.38 -0.85
N GLY A 153 -3.17 15.28 -2.17
CA GLY A 153 -2.07 15.49 -3.07
C GLY A 153 -1.70 16.93 -3.37
N LYS A 154 -2.32 17.90 -2.70
CA LYS A 154 -2.13 19.29 -3.12
C LYS A 154 -0.77 19.84 -2.74
N TYR A 155 -0.21 19.41 -1.61
CA TYR A 155 1.12 19.91 -1.23
C TYR A 155 2.20 19.36 -2.13
N LEU A 156 2.09 18.09 -2.50
CA LEU A 156 3.07 17.50 -3.40
C LEU A 156 2.92 18.08 -4.81
N ALA A 157 1.69 18.20 -5.31
CA ALA A 157 1.49 18.79 -6.63
C ALA A 157 2.00 20.23 -6.68
N TYR A 158 1.68 21.02 -5.66
CA TYR A 158 2.11 22.41 -5.63
C TYR A 158 3.62 22.53 -5.46
N THR A 159 4.18 21.86 -4.46
CA THR A 159 5.59 22.05 -4.12
C THR A 159 6.51 21.53 -5.22
N GLU A 160 6.18 20.39 -5.81
CA GLU A 160 7.11 19.74 -6.73
C GLU A 160 6.67 19.85 -8.19
N GLU A 161 5.54 20.50 -8.44
CA GLU A 161 5.04 20.74 -9.80
C GLU A 161 4.80 19.44 -10.56
N VAL A 162 4.12 18.50 -9.90
CA VAL A 162 3.71 17.26 -10.53
C VAL A 162 2.20 17.25 -10.62
N VAL A 163 1.70 16.45 -11.54
CA VAL A 163 0.29 16.09 -11.56
C VAL A 163 0.14 14.86 -10.65
N LEU A 164 -0.59 15.02 -9.55
CA LEU A 164 -0.73 13.95 -8.56
C LEU A 164 -2.09 13.30 -8.73
N VAL A 165 -2.10 11.99 -8.99
CA VAL A 165 -3.32 11.22 -9.11
C VAL A 165 -3.41 10.26 -7.93
N SER A 166 -4.59 10.13 -7.35
CA SER A 166 -4.88 9.02 -6.44
C SER A 166 -6.03 8.21 -7.02
N LEU A 167 -5.83 6.90 -7.14
CA LEU A 167 -6.89 6.04 -7.63
C LEU A 167 -7.60 5.36 -6.47
N SER A 168 -8.61 4.57 -6.79
CA SER A 168 -9.25 3.71 -5.82
C SER A 168 -9.43 2.33 -6.44
N TYR A 169 -9.73 1.35 -5.59
CA TYR A 169 -9.92 -0.01 -6.05
C TYR A 169 -10.70 -0.76 -4.99
N ARG A 170 -11.46 -1.76 -5.43
CA ARG A 170 -12.26 -2.56 -4.50
C ARG A 170 -11.35 -3.35 -3.57
N VAL A 171 -11.73 -3.40 -2.30
CA VAL A 171 -10.97 -4.10 -1.28
C VAL A 171 -11.86 -5.20 -0.69
N GLY A 172 -11.24 -6.05 0.15
CA GLY A 172 -12.00 -7.11 0.77
C GLY A 172 -12.51 -8.12 -0.25
N ALA A 173 -13.60 -8.80 0.11
CA ALA A 173 -14.19 -9.78 -0.80
C ALA A 173 -14.65 -9.13 -2.10
N PHE A 174 -15.08 -7.87 -2.03
CA PHE A 174 -15.54 -7.17 -3.22
C PHE A 174 -14.46 -7.07 -4.28
N GLY A 175 -13.19 -6.97 -3.85
CA GLY A 175 -12.11 -6.83 -4.80
C GLY A 175 -11.32 -8.10 -5.01
N PHE A 176 -11.45 -9.07 -4.10
CA PHE A 176 -10.50 -10.18 -4.14
C PHE A 176 -11.10 -11.55 -3.86
N LEU A 177 -12.42 -11.68 -3.70
CA LEU A 177 -13.01 -13.02 -3.69
C LEU A 177 -12.57 -13.76 -4.95
N ALA A 178 -12.04 -14.97 -4.79
CA ALA A 178 -11.40 -15.67 -5.90
C ALA A 178 -11.92 -17.09 -6.03
N LEU A 179 -12.69 -17.35 -7.08
CA LEU A 179 -13.14 -18.70 -7.44
C LEU A 179 -12.56 -19.02 -8.81
N HIS A 180 -11.31 -19.48 -8.82
CA HIS A 180 -10.59 -19.64 -10.07
C HIS A 180 -11.32 -20.62 -10.99
N GLY A 181 -11.35 -20.28 -12.28
CA GLY A 181 -12.15 -21.01 -13.26
C GLY A 181 -13.47 -20.34 -13.58
N SER A 182 -14.03 -19.60 -12.63
CA SER A 182 -15.24 -18.83 -12.88
C SER A 182 -14.89 -17.48 -13.50
N GLN A 183 -15.78 -17.00 -14.37
CA GLN A 183 -15.62 -15.67 -14.93
C GLN A 183 -16.43 -14.62 -14.19
N GLU A 184 -17.27 -15.03 -13.25
CA GLU A 184 -18.05 -14.11 -12.45
C GLU A 184 -17.32 -13.64 -11.20
N ALA A 185 -16.42 -14.45 -10.66
CA ALA A 185 -15.61 -14.07 -9.49
C ALA A 185 -14.23 -14.68 -9.66
N PRO A 186 -13.46 -14.19 -10.65
CA PRO A 186 -12.19 -14.82 -10.98
C PRO A 186 -11.06 -14.48 -10.02
N GLY A 187 -11.24 -13.52 -9.14
CA GLY A 187 -10.15 -13.03 -8.32
C GLY A 187 -9.40 -11.89 -8.98
N ASN A 188 -8.65 -11.16 -8.16
CA ASN A 188 -7.75 -10.08 -8.54
C ASN A 188 -8.45 -8.86 -9.14
N VAL A 189 -9.77 -8.73 -8.98
CA VAL A 189 -10.45 -7.66 -9.70
C VAL A 189 -10.12 -6.30 -9.09
N GLY A 190 -9.74 -6.24 -7.81
CA GLY A 190 -9.20 -5.00 -7.27
C GLY A 190 -7.93 -4.56 -7.96
N LEU A 191 -7.06 -5.50 -8.31
CA LEU A 191 -5.86 -5.15 -9.08
C LEU A 191 -6.24 -4.71 -10.48
N LEU A 192 -7.28 -5.31 -11.06
CA LEU A 192 -7.74 -4.87 -12.37
C LEU A 192 -8.36 -3.48 -12.28
N ASP A 193 -9.01 -3.15 -11.16
CA ASP A 193 -9.46 -1.78 -10.90
C ASP A 193 -8.29 -0.81 -10.99
N GLN A 194 -7.19 -1.13 -10.29
CA GLN A 194 -6.01 -0.28 -10.33
C GLN A 194 -5.53 -0.14 -11.76
N ARG A 195 -5.46 -1.25 -12.49
CA ARG A 195 -4.98 -1.22 -13.86
C ARG A 195 -5.88 -0.36 -14.74
N MET A 196 -7.19 -0.40 -14.52
CA MET A 196 -8.10 0.38 -15.35
C MET A 196 -7.91 1.88 -15.09
N ALA A 197 -7.65 2.25 -13.85
CA ALA A 197 -7.30 3.64 -13.55
C ALA A 197 -5.99 4.04 -14.21
N LEU A 198 -4.98 3.16 -14.20
CA LEU A 198 -3.74 3.46 -14.90
C LEU A 198 -3.98 3.60 -16.40
N GLN A 199 -4.87 2.77 -16.95
CA GLN A 199 -5.21 2.89 -18.37
C GLN A 199 -5.86 4.23 -18.65
N TRP A 200 -6.74 4.67 -17.75
CA TRP A 200 -7.40 5.97 -17.93
C TRP A 200 -6.38 7.10 -17.87
N VAL A 201 -5.45 7.04 -16.92
CA VAL A 201 -4.36 8.02 -16.87
C VAL A 201 -3.53 8.01 -18.16
N HIS A 202 -3.17 6.82 -18.63
CA HIS A 202 -2.43 6.72 -19.88
C HIS A 202 -3.17 7.40 -21.02
N ASP A 203 -4.49 7.24 -21.06
CA ASP A 203 -5.30 7.72 -22.17
C ASP A 203 -5.71 9.18 -22.03
N ASN A 204 -5.71 9.74 -20.81
CA ASN A 204 -6.34 11.03 -20.59
C ASN A 204 -5.50 12.06 -19.83
N ILE A 205 -4.38 11.67 -19.20
CA ILE A 205 -3.70 12.63 -18.33
C ILE A 205 -3.08 13.77 -19.13
N GLN A 206 -2.84 13.59 -20.43
CA GLN A 206 -2.30 14.67 -21.25
C GLN A 206 -3.20 15.91 -21.21
N PHE A 207 -4.51 15.71 -21.14
CA PHE A 207 -5.43 16.84 -21.16
C PHE A 207 -5.42 17.65 -19.87
N PHE A 208 -4.83 17.10 -18.81
CA PHE A 208 -4.64 17.81 -17.55
C PHE A 208 -3.25 18.42 -17.44
N GLY A 209 -2.44 18.30 -18.50
CA GLY A 209 -1.06 18.74 -18.42
C GLY A 209 -0.08 17.68 -17.98
N GLY A 210 -0.51 16.43 -17.82
CA GLY A 210 0.40 15.37 -17.44
C GLY A 210 1.07 14.72 -18.64
N ASP A 211 2.28 14.24 -18.42
CA ASP A 211 3.00 13.49 -19.43
C ASP A 211 2.71 12.00 -19.27
N PRO A 212 1.90 11.37 -20.13
CA PRO A 212 1.59 9.95 -19.94
C PRO A 212 2.78 9.01 -20.11
N LYS A 213 3.91 9.49 -20.65
CA LYS A 213 5.09 8.64 -20.77
C LYS A 213 6.02 8.78 -19.57
N THR A 214 5.63 9.57 -18.57
CA THR A 214 6.43 9.75 -17.36
C THR A 214 5.52 9.63 -16.13
N VAL A 215 4.85 8.48 -16.03
CA VAL A 215 3.99 8.16 -14.88
C VAL A 215 4.78 7.30 -13.90
N THR A 216 4.81 7.71 -12.64
CA THR A 216 5.35 6.89 -11.57
C THR A 216 4.19 6.42 -10.71
N ILE A 217 4.09 5.12 -10.47
CA ILE A 217 3.12 4.64 -9.50
C ILE A 217 3.85 4.48 -8.17
N PHE A 218 3.13 4.82 -7.08
CA PHE A 218 3.71 4.65 -5.77
C PHE A 218 2.59 4.31 -4.79
N GLY A 219 2.97 3.58 -3.76
CA GLY A 219 1.98 3.11 -2.81
C GLY A 219 2.68 2.57 -1.57
N GLU A 220 1.91 2.48 -0.49
CA GLU A 220 2.42 2.01 0.78
C GLU A 220 1.65 0.77 1.22
N SER A 221 2.37 -0.18 1.84
CA SER A 221 1.80 -1.39 2.43
C SER A 221 1.16 -2.22 1.32
N ALA A 222 -0.13 -2.53 1.37
CA ALA A 222 -0.73 -3.23 0.23
C ALA A 222 -0.63 -2.43 -1.06
N GLY A 223 -0.51 -1.11 -0.99
CA GLY A 223 -0.29 -0.34 -2.20
C GLY A 223 1.12 -0.51 -2.72
N GLY A 224 2.09 -0.71 -1.82
CA GLY A 224 3.43 -1.06 -2.24
C GLY A 224 3.50 -2.43 -2.86
N ALA A 225 2.84 -3.40 -2.23
CA ALA A 225 2.72 -4.72 -2.85
C ALA A 225 2.05 -4.63 -4.22
N SER A 226 0.98 -3.82 -4.35
CA SER A 226 0.28 -3.65 -5.62
C SER A 226 1.20 -3.08 -6.68
N VAL A 227 1.99 -2.06 -6.33
CA VAL A 227 2.95 -1.50 -7.29
C VAL A 227 3.87 -2.60 -7.82
N GLY A 228 4.40 -3.41 -6.91
CA GLY A 228 5.23 -4.54 -7.30
C GLY A 228 4.48 -5.54 -8.15
N MET A 229 3.19 -5.74 -7.89
CA MET A 229 2.43 -6.67 -8.71
C MET A 229 2.24 -6.14 -10.14
N HIS A 230 2.13 -4.82 -10.34
CA HIS A 230 2.04 -4.29 -11.71
C HIS A 230 3.39 -4.32 -12.42
N ILE A 231 4.49 -4.24 -11.68
CA ILE A 231 5.81 -4.49 -12.25
C ILE A 231 5.88 -5.91 -12.80
N LEU A 232 5.32 -6.87 -12.05
CA LEU A 232 5.39 -8.26 -12.48
C LEU A 232 4.38 -8.59 -13.57
N SER A 233 3.17 -8.04 -13.48
CA SER A 233 2.08 -8.49 -14.35
C SER A 233 2.31 -8.02 -15.79
N PRO A 234 2.39 -8.92 -16.77
CA PRO A 234 2.57 -8.47 -18.17
C PRO A 234 1.47 -7.51 -18.62
N GLY A 235 0.24 -7.71 -18.16
CA GLY A 235 -0.88 -6.86 -18.53
C GLY A 235 -0.84 -5.45 -17.96
N SER A 236 0.03 -5.17 -16.98
CA SER A 236 0.11 -3.84 -16.40
C SER A 236 1.37 -3.07 -16.79
N ARG A 237 2.44 -3.77 -17.19
CA ARG A 237 3.77 -3.16 -17.24
C ARG A 237 3.83 -1.95 -18.16
N ASP A 238 3.06 -1.97 -19.25
CA ASP A 238 3.21 -0.89 -20.23
C ASP A 238 2.53 0.40 -19.77
N LEU A 239 1.82 0.40 -18.63
CA LEU A 239 0.98 1.53 -18.24
C LEU A 239 1.66 2.51 -17.30
N PHE A 240 2.96 2.35 -17.05
CA PHE A 240 3.67 3.31 -16.21
C PHE A 240 5.15 3.21 -16.54
N ARG A 241 5.91 4.22 -16.07
CA ARG A 241 7.32 4.35 -16.38
C ARG A 241 8.22 3.80 -15.27
N ARG A 242 7.94 4.17 -14.02
CA ARG A 242 8.78 3.73 -12.92
C ARG A 242 7.91 3.63 -11.67
N ALA A 243 8.53 3.22 -10.57
CA ALA A 243 7.72 2.76 -9.44
C ALA A 243 8.42 3.03 -8.11
N ILE A 244 7.60 3.28 -7.10
CA ILE A 244 8.05 3.50 -5.73
C ILE A 244 7.24 2.59 -4.83
N LEU A 245 7.90 1.84 -3.95
CA LEU A 245 7.23 0.91 -3.06
C LEU A 245 7.60 1.25 -1.63
N GLN A 246 6.61 1.55 -0.79
CA GLN A 246 6.84 1.92 0.60
C GLN A 246 6.27 0.82 1.49
N SER A 247 7.15 0.14 2.23
CA SER A 247 6.73 -0.80 3.28
C SER A 247 5.84 -1.92 2.72
N GLY A 248 6.14 -2.37 1.52
CA GLY A 248 5.36 -3.46 0.97
C GLY A 248 6.00 -3.95 -0.32
N SER A 249 5.87 -5.24 -0.60
CA SER A 249 6.45 -5.81 -1.81
C SER A 249 5.57 -6.96 -2.25
N PRO A 250 5.61 -7.34 -3.53
CA PRO A 250 4.62 -8.30 -4.04
C PRO A 250 4.76 -9.68 -3.43
N ASN A 251 5.96 -10.05 -2.99
CA ASN A 251 6.25 -11.36 -2.41
C ASN A 251 6.01 -11.43 -0.90
N CYS A 252 5.41 -10.41 -0.29
CA CYS A 252 5.13 -10.46 1.14
C CYS A 252 4.22 -11.64 1.48
N PRO A 253 4.41 -12.29 2.63
CA PRO A 253 3.64 -13.51 2.93
C PRO A 253 2.15 -13.26 3.04
N TRP A 254 1.72 -12.02 3.33
CA TRP A 254 0.32 -11.67 3.48
C TRP A 254 -0.32 -11.19 2.18
N ALA A 255 0.48 -10.97 1.13
CA ALA A 255 0.02 -10.24 -0.04
C ALA A 255 -0.65 -11.11 -1.11
N SER A 256 -0.53 -12.44 -1.05
CA SER A 256 -1.19 -13.29 -2.03
C SER A 256 -1.48 -14.67 -1.45
N VAL A 257 -2.40 -15.39 -2.10
CA VAL A 257 -2.73 -16.78 -1.79
C VAL A 257 -2.80 -17.59 -3.08
N SER A 258 -2.75 -18.91 -2.92
CA SER A 258 -2.95 -19.81 -4.06
C SER A 258 -4.42 -19.83 -4.48
N VAL A 259 -4.70 -20.34 -5.68
CA VAL A 259 -6.08 -20.44 -6.12
C VAL A 259 -6.86 -21.42 -5.23
N ALA A 260 -6.20 -22.45 -4.71
CA ALA A 260 -6.87 -23.39 -3.82
C ALA A 260 -7.26 -22.71 -2.51
N GLU A 261 -6.37 -21.89 -1.97
CA GLU A 261 -6.69 -21.22 -0.70
C GLU A 261 -7.74 -20.13 -0.91
N GLY A 262 -7.67 -19.40 -2.02
CA GLY A 262 -8.72 -18.44 -2.32
C GLY A 262 -10.09 -19.09 -2.47
N ARG A 263 -10.12 -20.26 -3.12
CA ARG A 263 -11.38 -20.99 -3.25
C ARG A 263 -11.89 -21.45 -1.89
N ARG A 264 -10.99 -21.97 -1.05
CA ARG A 264 -11.39 -22.40 0.29
C ARG A 264 -12.00 -21.25 1.08
N ARG A 265 -11.41 -20.05 0.97
CA ARG A 265 -11.91 -18.91 1.73
C ARG A 265 -13.23 -18.40 1.18
N ALA A 266 -13.41 -18.44 -0.15
CA ALA A 266 -14.68 -18.03 -0.73
C ALA A 266 -15.80 -18.96 -0.29
N VAL A 267 -15.55 -20.27 -0.29
CA VAL A 267 -16.54 -21.25 0.17
C VAL A 267 -16.83 -21.06 1.65
N GLU A 268 -15.80 -20.81 2.45
CA GLU A 268 -16.01 -20.57 3.89
C GLU A 268 -16.81 -19.29 4.10
N LEU A 269 -16.59 -18.28 3.25
CA LEU A 269 -17.40 -17.05 3.35
C LEU A 269 -18.87 -17.36 3.12
N GLY A 270 -19.17 -18.21 2.12
CA GLY A 270 -20.55 -18.58 1.88
C GLY A 270 -21.14 -19.40 3.01
N ARG A 271 -20.33 -20.27 3.61
CA ARG A 271 -20.79 -21.04 4.75
C ARG A 271 -21.19 -20.12 5.89
N ASN A 272 -20.43 -19.05 6.11
CA ASN A 272 -20.77 -18.07 7.14
C ASN A 272 -22.06 -17.32 6.84
N LEU A 273 -22.48 -17.30 5.57
CA LEU A 273 -23.70 -16.58 5.17
C LEU A 273 -24.80 -17.51 4.70
N ASN A 274 -24.72 -18.81 5.05
CA ASN A 274 -25.76 -19.79 4.76
C ASN A 274 -26.05 -19.87 3.25
N CYS A 275 -24.99 -19.94 2.46
CA CYS A 275 -25.11 -19.99 1.02
C CYS A 275 -25.13 -21.43 0.53
N ASN A 276 -25.77 -21.64 -0.62
CA ASN A 276 -25.64 -22.87 -1.37
C ASN A 276 -24.21 -22.99 -1.88
N LEU A 277 -23.53 -24.09 -1.52
CA LEU A 277 -22.11 -24.26 -1.85
C LEU A 277 -21.88 -25.32 -2.92
N ASN A 278 -22.91 -25.76 -3.63
CA ASN A 278 -22.76 -26.90 -4.53
C ASN A 278 -22.10 -26.55 -5.86
N SER A 279 -22.04 -25.27 -6.22
CA SER A 279 -21.36 -24.86 -7.44
C SER A 279 -20.96 -23.39 -7.31
N ASP A 280 -19.97 -23.00 -8.12
CA ASP A 280 -19.56 -21.59 -8.14
C ASP A 280 -20.74 -20.69 -8.45
N GLU A 281 -21.58 -21.10 -9.41
CA GLU A 281 -22.69 -20.26 -9.82
C GLU A 281 -23.68 -20.03 -8.68
N GLU A 282 -23.97 -21.07 -7.91
CA GLU A 282 -24.87 -20.92 -6.77
C GLU A 282 -24.24 -20.08 -5.66
N LEU A 283 -22.97 -20.34 -5.35
CA LEU A 283 -22.28 -19.56 -4.31
C LEU A 283 -22.22 -18.08 -4.68
N ILE A 284 -21.78 -17.79 -5.90
CA ILE A 284 -21.67 -16.40 -6.33
C ILE A 284 -23.03 -15.72 -6.33
N HIS A 285 -24.06 -16.43 -6.80
CA HIS A 285 -25.40 -15.84 -6.79
C HIS A 285 -25.85 -15.50 -5.37
N CYS A 286 -25.62 -16.42 -4.41
CA CYS A 286 -25.96 -16.13 -3.03
C CYS A 286 -25.20 -14.91 -2.51
N LEU A 287 -23.89 -14.87 -2.76
CA LEU A 287 -23.07 -13.76 -2.25
C LEU A 287 -23.48 -12.42 -2.85
N ARG A 288 -24.02 -12.43 -4.07
CA ARG A 288 -24.43 -11.19 -4.71
C ARG A 288 -25.73 -10.63 -4.14
N GLU A 289 -26.55 -11.45 -3.48
CA GLU A 289 -27.77 -10.91 -2.87
C GLU A 289 -27.53 -10.31 -1.49
N LYS A 290 -26.38 -10.53 -0.88
CA LYS A 290 -26.11 -10.03 0.46
C LYS A 290 -25.83 -8.53 0.43
N LYS A 291 -26.28 -7.83 1.47
CA LYS A 291 -25.90 -6.44 1.62
C LYS A 291 -24.39 -6.36 1.90
N PRO A 292 -23.74 -5.25 1.56
CA PRO A 292 -22.27 -5.18 1.75
C PRO A 292 -21.84 -5.48 3.18
N GLN A 293 -22.53 -4.94 4.16
CA GLN A 293 -22.08 -5.11 5.55
C GLN A 293 -22.16 -6.56 6.01
N GLU A 294 -22.99 -7.39 5.38
CA GLU A 294 -23.04 -8.79 5.79
C GLU A 294 -21.78 -9.55 5.38
N LEU A 295 -21.20 -9.22 4.22
CA LEU A 295 -19.90 -9.76 3.87
C LEU A 295 -18.83 -9.26 4.83
N ILE A 296 -18.81 -7.96 5.10
CA ILE A 296 -17.80 -7.39 5.99
C ILE A 296 -17.91 -7.99 7.39
N ASP A 297 -19.13 -8.26 7.84
CA ASP A 297 -19.33 -8.75 9.21
C ASP A 297 -18.64 -10.09 9.45
N VAL A 298 -18.50 -10.93 8.41
CA VAL A 298 -17.95 -12.27 8.57
C VAL A 298 -16.61 -12.44 7.87
N GLU A 299 -16.07 -11.38 7.25
CA GLU A 299 -14.89 -11.50 6.42
C GLU A 299 -13.70 -12.08 7.17
N TRP A 300 -13.53 -11.71 8.44
CA TRP A 300 -12.38 -12.19 9.19
C TRP A 300 -12.51 -13.63 9.65
N ASN A 301 -13.69 -14.24 9.50
CA ASN A 301 -13.90 -15.60 9.99
C ASN A 301 -13.29 -16.67 9.09
N VAL A 302 -12.75 -16.31 7.92
CA VAL A 302 -12.30 -17.33 6.97
C VAL A 302 -10.80 -17.56 7.02
N LEU A 303 -10.05 -16.85 7.86
CA LEU A 303 -8.61 -17.07 7.89
C LEU A 303 -8.30 -18.47 8.39
N PRO A 304 -7.28 -19.14 7.83
CA PRO A 304 -7.00 -20.53 8.23
C PRO A 304 -6.30 -20.67 9.56
N PHE A 305 -5.62 -19.64 10.04
CA PHE A 305 -4.82 -19.72 11.26
C PHE A 305 -5.14 -18.56 12.18
N ASP A 306 -4.91 -18.79 13.47
CA ASP A 306 -4.81 -17.69 14.43
C ASP A 306 -3.54 -16.91 14.12
N SER A 307 -3.68 -15.63 13.75
CA SER A 307 -2.57 -14.93 13.14
C SER A 307 -2.72 -13.43 13.38
N ILE A 308 -1.62 -12.72 13.17
CA ILE A 308 -1.66 -11.29 12.93
C ILE A 308 -0.99 -11.05 11.58
N PHE A 309 -1.27 -9.89 10.99
CA PHE A 309 -0.71 -9.52 9.68
C PHE A 309 -1.07 -10.56 8.61
N ARG A 310 -2.31 -11.04 8.67
CA ARG A 310 -2.88 -11.90 7.63
C ARG A 310 -4.30 -11.43 7.36
N PHE A 311 -4.67 -11.39 6.08
CA PHE A 311 -5.93 -10.82 5.62
C PHE A 311 -6.65 -11.83 4.74
N SER A 312 -7.98 -11.74 4.74
CA SER A 312 -8.78 -12.82 4.18
C SER A 312 -8.76 -12.83 2.65
N PHE A 313 -9.01 -11.70 2.02
CA PHE A 313 -9.18 -11.66 0.57
C PHE A 313 -8.11 -10.79 -0.05
N VAL A 314 -7.15 -11.44 -0.72
CA VAL A 314 -5.94 -10.81 -1.23
C VAL A 314 -5.70 -11.29 -2.65
N PRO A 315 -4.73 -10.73 -3.38
CA PRO A 315 -4.43 -11.23 -4.73
C PRO A 315 -4.19 -12.75 -4.76
N VAL A 316 -4.62 -13.38 -5.84
CA VAL A 316 -4.46 -14.81 -6.04
C VAL A 316 -3.48 -15.06 -7.19
N ILE A 317 -2.59 -16.03 -7.01
CA ILE A 317 -1.64 -16.41 -8.06
C ILE A 317 -2.41 -17.29 -9.05
N ASP A 318 -2.92 -16.66 -10.12
CA ASP A 318 -3.98 -17.25 -10.93
C ASP A 318 -3.53 -17.79 -12.29
N GLY A 319 -2.28 -17.56 -12.68
CA GLY A 319 -1.85 -17.94 -14.01
C GLY A 319 -2.27 -16.98 -15.11
N GLU A 320 -3.01 -15.93 -14.80
CA GLU A 320 -3.36 -14.90 -15.78
C GLU A 320 -2.76 -13.56 -15.39
N PHE A 321 -3.23 -12.92 -14.30
CA PHE A 321 -2.59 -11.69 -13.86
C PHE A 321 -1.12 -11.93 -13.56
N PHE A 322 -0.82 -13.03 -12.86
CA PHE A 322 0.53 -13.52 -12.63
C PHE A 322 0.71 -14.81 -13.42
N PRO A 323 1.53 -14.84 -14.47
CA PRO A 323 1.60 -16.06 -15.30
C PRO A 323 2.18 -17.26 -14.57
N THR A 324 3.13 -17.07 -13.64
CA THR A 324 3.67 -18.17 -12.86
C THR A 324 3.81 -17.69 -11.41
N SER A 325 4.45 -18.51 -10.58
CA SER A 325 4.69 -18.12 -9.20
C SER A 325 5.52 -16.84 -9.14
N LEU A 326 5.30 -16.04 -8.09
CA LEU A 326 6.07 -14.81 -7.96
C LEU A 326 7.55 -15.08 -7.91
N GLU A 327 7.96 -16.14 -7.20
CA GLU A 327 9.38 -16.45 -7.07
C GLU A 327 10.00 -16.81 -8.42
N SER A 328 9.32 -17.60 -9.25
CA SER A 328 9.93 -17.95 -10.53
C SER A 328 9.98 -16.75 -11.47
N MET A 329 9.03 -15.80 -11.36
CA MET A 329 9.11 -14.59 -12.17
C MET A 329 10.30 -13.73 -11.75
N LEU A 330 10.50 -13.57 -10.44
CA LEU A 330 11.64 -12.78 -9.95
C LEU A 330 12.97 -13.42 -10.30
N ASN A 331 13.03 -14.77 -10.27
CA ASN A 331 14.28 -15.46 -10.59
C ASN A 331 14.63 -15.32 -12.07
N SER A 332 13.63 -15.37 -12.94
CA SER A 332 13.89 -15.38 -14.38
C SER A 332 13.93 -13.99 -14.99
N GLY A 333 13.66 -12.95 -14.22
CA GLY A 333 13.58 -11.62 -14.77
C GLY A 333 12.32 -11.35 -15.56
N ASN A 334 11.24 -12.09 -15.27
CA ASN A 334 9.96 -11.89 -15.93
C ASN A 334 9.21 -10.77 -15.21
N PHE A 335 9.67 -9.54 -15.43
CA PHE A 335 9.05 -8.35 -14.85
C PHE A 335 9.52 -7.13 -15.62
N LYS A 336 8.84 -6.01 -15.38
CA LYS A 336 9.21 -4.75 -16.01
C LYS A 336 10.57 -4.28 -15.50
N LYS A 337 11.47 -3.96 -16.41
CA LYS A 337 12.81 -3.49 -16.08
C LYS A 337 12.81 -1.97 -16.16
N THR A 338 12.92 -1.31 -15.02
CA THR A 338 12.90 0.14 -14.97
C THR A 338 13.65 0.56 -13.72
N GLN A 339 13.46 1.79 -13.27
CA GLN A 339 14.04 2.26 -12.02
C GLN A 339 13.02 2.10 -10.91
N ILE A 340 13.48 1.74 -9.72
CA ILE A 340 12.59 1.66 -8.57
C ILE A 340 13.23 2.36 -7.38
N LEU A 341 12.37 2.92 -6.53
CA LEU A 341 12.81 3.48 -5.27
C LEU A 341 11.91 2.87 -4.21
N LEU A 342 12.50 2.40 -3.12
CA LEU A 342 11.68 1.66 -2.16
C LEU A 342 12.36 1.66 -0.81
N GLY A 343 11.58 1.32 0.21
CA GLY A 343 12.18 1.25 1.53
C GLY A 343 11.16 0.87 2.56
N VAL A 344 11.60 0.93 3.81
CA VAL A 344 10.83 0.44 4.95
C VAL A 344 11.00 1.40 6.11
N ASN A 345 10.12 1.26 7.11
CA ASN A 345 10.18 1.98 8.38
C ASN A 345 10.79 1.10 9.46
N LYS A 346 11.31 1.76 10.50
CA LYS A 346 12.09 1.05 11.50
C LYS A 346 11.23 0.05 12.28
N ASP A 347 9.99 0.42 12.61
CA ASP A 347 9.18 -0.44 13.50
C ASP A 347 7.87 -0.85 12.84
N GLU A 348 7.96 -1.58 11.73
CA GLU A 348 6.79 -2.01 10.98
C GLU A 348 5.86 -2.89 11.81
N GLY A 349 6.39 -3.64 12.77
CA GLY A 349 5.55 -4.61 13.47
C GLY A 349 4.61 -4.04 14.53
N SER A 350 4.85 -2.82 15.02
CA SER A 350 4.26 -2.42 16.30
C SER A 350 2.73 -2.27 16.19
N PHE A 351 2.26 -1.71 15.08
CA PHE A 351 0.82 -1.57 14.84
C PHE A 351 0.10 -2.92 14.94
N PHE A 352 0.67 -3.97 14.35
CA PHE A 352 0.00 -5.26 14.32
C PHE A 352 -0.03 -5.94 15.69
N LEU A 353 1.04 -5.76 16.46
CA LEU A 353 1.05 -6.29 17.82
C LEU A 353 0.06 -5.56 18.71
N LEU A 354 -0.04 -4.23 18.57
CA LEU A 354 -1.00 -3.49 19.38
C LEU A 354 -2.43 -4.02 19.18
N TYR A 355 -2.82 -4.26 17.93
CA TYR A 355 -4.19 -4.67 17.66
C TYR A 355 -4.43 -6.16 17.87
N GLY A 356 -3.39 -6.99 17.79
CA GLY A 356 -3.64 -8.41 17.69
C GLY A 356 -2.90 -9.36 18.62
N ALA A 357 -2.00 -8.86 19.47
CA ALA A 357 -1.15 -9.72 20.27
C ALA A 357 -1.39 -9.46 21.76
N PRO A 358 -1.52 -10.50 22.57
CA PRO A 358 -1.75 -10.29 24.00
C PRO A 358 -0.56 -9.63 24.69
N GLY A 359 -0.87 -8.75 25.63
CA GLY A 359 0.14 -8.05 26.39
C GLY A 359 0.43 -6.65 25.91
N PHE A 360 0.00 -6.29 24.69
CA PHE A 360 0.22 -4.97 24.13
C PHE A 360 -1.01 -4.11 24.34
N SER A 361 -0.78 -2.85 24.71
CA SER A 361 -1.88 -1.91 24.93
C SER A 361 -1.44 -0.53 24.49
N LYS A 362 -2.43 0.28 24.12
CA LYS A 362 -2.13 1.63 23.65
C LYS A 362 -1.60 2.51 24.77
N ASP A 363 -2.11 2.36 25.99
CA ASP A 363 -1.80 3.32 27.05
C ASP A 363 -0.80 2.79 28.08
N SER A 364 -0.08 1.71 27.78
CA SER A 364 1.00 1.28 28.65
C SER A 364 2.24 1.03 27.80
N GLU A 365 3.39 0.92 28.47
CA GLU A 365 4.63 0.67 27.74
C GLU A 365 4.71 -0.77 27.24
N SER A 366 3.73 -1.62 27.56
CA SER A 366 3.58 -2.93 26.94
C SER A 366 4.84 -3.78 27.11
N LYS A 367 5.38 -3.82 28.32
CA LYS A 367 6.45 -4.77 28.60
C LYS A 367 5.90 -6.18 28.51
N ILE A 368 6.62 -7.05 27.80
CA ILE A 368 6.09 -8.34 27.40
C ILE A 368 6.74 -9.43 28.24
N SER A 369 5.93 -10.26 28.88
CA SER A 369 6.40 -11.41 29.61
C SER A 369 6.91 -12.48 28.65
N ARG A 370 7.62 -13.45 29.23
CA ARG A 370 8.10 -14.60 28.47
C ARG A 370 6.94 -15.38 27.85
N GLU A 371 5.84 -15.53 28.60
CA GLU A 371 4.69 -16.25 28.07
C GLU A 371 4.01 -15.47 26.94
N ASP A 372 3.85 -14.16 27.10
CA ASP A 372 3.25 -13.38 26.01
C ASP A 372 4.18 -13.30 24.80
N PHE A 373 5.50 -13.36 25.03
CA PHE A 373 6.42 -13.44 23.89
C PHE A 373 6.18 -14.71 23.08
N MET A 374 6.02 -15.85 23.76
CA MET A 374 5.85 -17.10 23.03
C MET A 374 4.51 -17.13 22.31
N SER A 375 3.47 -16.54 22.93
CA SER A 375 2.18 -16.39 22.26
C SER A 375 2.30 -15.51 21.03
N GLY A 376 3.07 -14.42 21.14
CA GLY A 376 3.26 -13.51 20.03
C GLY A 376 3.99 -14.15 18.86
N VAL A 377 5.04 -14.93 19.15
CA VAL A 377 5.77 -15.61 18.08
C VAL A 377 4.84 -16.52 17.29
N LYS A 378 3.98 -17.25 18.00
CA LYS A 378 3.05 -18.17 17.36
C LYS A 378 2.05 -17.42 16.48
N LEU A 379 1.57 -16.26 16.94
CA LEU A 379 0.68 -15.44 16.12
C LEU A 379 1.40 -14.89 14.89
N SER A 380 2.68 -14.55 15.04
CA SER A 380 3.42 -13.84 14.01
C SER A 380 3.89 -14.76 12.91
N VAL A 381 4.11 -16.03 13.21
CA VAL A 381 4.57 -16.99 12.20
C VAL A 381 3.57 -18.14 12.17
N PRO A 382 2.35 -17.93 11.65
CA PRO A 382 1.30 -18.94 11.86
C PRO A 382 1.56 -20.25 11.13
N HIS A 383 2.30 -20.22 10.03
CA HIS A 383 2.60 -21.41 9.25
C HIS A 383 3.72 -22.27 9.83
N ALA A 384 4.32 -21.89 10.96
CA ALA A 384 5.51 -22.56 11.46
C ALA A 384 5.17 -23.74 12.36
N ASN A 385 5.92 -24.83 12.20
CA ASN A 385 5.87 -25.94 13.14
C ASN A 385 6.68 -25.58 14.39
N ASP A 386 6.68 -26.48 15.37
CA ASP A 386 7.32 -26.20 16.65
C ASP A 386 8.83 -25.97 16.49
N LEU A 387 9.48 -26.74 15.61
CA LEU A 387 10.89 -26.49 15.34
C LEU A 387 11.10 -25.10 14.75
N GLY A 388 10.25 -24.70 13.80
CA GLY A 388 10.34 -23.36 13.25
C GLY A 388 10.13 -22.29 14.31
N LEU A 389 9.18 -22.52 15.22
CA LEU A 389 8.96 -21.54 16.28
C LEU A 389 10.14 -21.44 17.23
N ASP A 390 10.78 -22.59 17.55
CA ASP A 390 12.01 -22.56 18.33
C ASP A 390 13.12 -21.80 17.61
N ALA A 391 13.23 -21.98 16.30
CA ALA A 391 14.26 -21.27 15.55
C ALA A 391 14.05 -19.77 15.63
N VAL A 392 12.81 -19.30 15.45
CA VAL A 392 12.50 -17.88 15.56
C VAL A 392 12.81 -17.39 16.96
N THR A 393 12.38 -18.14 17.98
CA THR A 393 12.61 -17.71 19.36
C THR A 393 14.10 -17.56 19.66
N LEU A 394 14.91 -18.54 19.23
CA LEU A 394 16.34 -18.47 19.48
C LEU A 394 16.98 -17.27 18.78
N GLN A 395 16.53 -16.97 17.57
CA GLN A 395 17.15 -15.90 16.80
C GLN A 395 16.90 -14.54 17.43
N TYR A 396 15.78 -14.35 18.12
CA TYR A 396 15.35 -13.06 18.62
C TYR A 396 15.39 -12.95 20.15
N THR A 397 15.96 -13.93 20.84
CA THR A 397 16.00 -13.89 22.30
C THR A 397 17.43 -13.68 22.79
N ASP A 398 17.60 -12.74 23.72
CA ASP A 398 18.84 -12.54 24.45
C ASP A 398 18.79 -13.42 25.69
N TRP A 399 19.47 -14.58 25.63
CA TRP A 399 19.38 -15.53 26.73
C TRP A 399 20.22 -15.14 27.94
N MET A 400 20.97 -14.05 27.86
CA MET A 400 21.54 -13.44 29.05
C MET A 400 20.53 -12.62 29.83
N ASP A 401 19.37 -12.33 29.26
CA ASP A 401 18.45 -11.33 29.79
C ASP A 401 17.03 -11.59 29.27
N ASP A 402 16.57 -12.83 29.40
CA ASP A 402 15.35 -13.27 28.70
C ASP A 402 14.06 -12.82 29.39
N ASN A 403 14.12 -12.27 30.60
CA ASN A 403 12.94 -11.75 31.28
C ASN A 403 12.86 -10.24 31.22
N ASN A 404 13.62 -9.63 30.31
CA ASN A 404 13.55 -8.19 30.09
C ASN A 404 12.32 -7.91 29.25
N GLY A 405 11.29 -7.31 29.86
CA GLY A 405 10.05 -7.05 29.17
C GLY A 405 10.18 -6.10 27.99
N ILE A 406 11.15 -5.18 28.06
CA ILE A 406 11.36 -4.26 26.94
C ILE A 406 12.02 -4.99 25.77
N LYS A 407 12.96 -5.89 26.06
CA LYS A 407 13.60 -6.65 24.99
C LYS A 407 12.63 -7.65 24.36
N ASN A 408 11.77 -8.27 25.18
CA ASN A 408 10.75 -9.14 24.61
C ASN A 408 9.79 -8.36 23.73
N ARG A 409 9.37 -7.18 24.18
CA ARG A 409 8.47 -6.35 23.38
C ARG A 409 9.13 -5.95 22.06
N ASP A 410 10.34 -5.41 22.13
CA ASP A 410 11.03 -4.98 20.92
C ASP A 410 11.43 -6.17 20.05
N GLY A 411 11.65 -7.34 20.64
CA GLY A 411 11.96 -8.52 19.84
C GLY A 411 10.79 -8.98 19.01
N LEU A 412 9.59 -8.99 19.60
CA LEU A 412 8.38 -9.29 18.85
C LEU A 412 8.11 -8.25 17.77
N ASP A 413 8.33 -6.97 18.09
CA ASP A 413 8.21 -5.91 17.11
C ASP A 413 9.08 -6.20 15.89
N ASP A 414 10.33 -6.62 16.14
CA ASP A 414 11.26 -6.93 15.06
C ASP A 414 10.85 -8.17 14.28
N ILE A 415 10.40 -9.22 14.99
CA ILE A 415 9.91 -10.42 14.31
C ILE A 415 8.80 -10.09 13.33
N VAL A 416 7.81 -9.31 13.79
CA VAL A 416 6.67 -9.03 12.92
C VAL A 416 7.10 -8.20 11.71
N GLY A 417 7.96 -7.19 11.93
CA GLY A 417 8.37 -6.33 10.83
C GLY A 417 9.33 -7.02 9.87
N ASP A 418 10.28 -7.79 10.42
CA ASP A 418 11.22 -8.53 9.59
C ASP A 418 10.50 -9.55 8.73
N HIS A 419 9.67 -10.38 9.35
CA HIS A 419 9.00 -11.45 8.62
C HIS A 419 8.05 -10.91 7.55
N ASN A 420 7.26 -9.88 7.90
CA ASN A 420 6.18 -9.47 7.02
C ASN A 420 6.53 -8.35 6.04
N VAL A 421 7.54 -7.54 6.34
CA VAL A 421 7.80 -6.36 5.51
C VAL A 421 9.25 -6.31 5.07
N ILE A 422 10.17 -6.22 6.03
CA ILE A 422 11.55 -5.88 5.68
C ILE A 422 12.22 -7.00 4.91
N CYS A 423 12.18 -8.22 5.43
CA CYS A 423 12.90 -9.27 4.72
C CYS A 423 12.27 -9.65 3.38
N PRO A 424 10.93 -9.65 3.22
CA PRO A 424 10.39 -9.83 1.85
C PRO A 424 10.82 -8.71 0.92
N LEU A 425 10.83 -7.46 1.41
CA LEU A 425 11.27 -6.37 0.55
C LEU A 425 12.74 -6.53 0.17
N MET A 426 13.58 -6.94 1.12
CA MET A 426 14.99 -7.13 0.78
C MET A 426 15.19 -8.29 -0.19
N HIS A 427 14.35 -9.33 -0.12
CA HIS A 427 14.42 -10.37 -1.14
C HIS A 427 14.02 -9.81 -2.51
N PHE A 428 12.94 -9.03 -2.56
CA PHE A 428 12.52 -8.40 -3.80
C PHE A 428 13.62 -7.48 -4.35
N VAL A 429 14.19 -6.62 -3.48
CA VAL A 429 15.22 -5.69 -3.93
C VAL A 429 16.38 -6.43 -4.56
N ASN A 430 16.81 -7.53 -3.93
CA ASN A 430 17.97 -8.23 -4.46
C ASN A 430 17.65 -8.98 -5.75
N LYS A 431 16.44 -9.53 -5.89
CA LYS A 431 16.09 -10.17 -7.16
C LYS A 431 15.89 -9.13 -8.26
N TYR A 432 15.21 -8.02 -7.94
CA TYR A 432 14.92 -7.01 -8.95
C TYR A 432 16.21 -6.39 -9.48
N THR A 433 17.13 -6.05 -8.59
CA THR A 433 18.32 -5.31 -8.97
C THR A 433 19.20 -6.08 -9.95
N LYS A 434 19.08 -7.41 -9.98
CA LYS A 434 19.85 -8.19 -10.96
C LYS A 434 19.48 -7.83 -12.39
N PHE A 435 18.20 -7.52 -12.65
CA PHE A 435 17.73 -7.21 -14.00
C PHE A 435 17.29 -5.76 -14.20
N GLY A 436 17.06 -5.00 -13.12
CA GLY A 436 16.49 -3.67 -13.24
C GLY A 436 17.48 -2.61 -13.72
N ASN A 437 16.97 -1.39 -13.83
CA ASN A 437 17.76 -0.30 -14.41
C ASN A 437 18.14 0.76 -13.38
N GLY A 438 17.99 0.45 -12.09
CA GLY A 438 18.38 1.39 -11.07
C GLY A 438 17.51 1.26 -9.84
N THR A 439 18.12 1.00 -8.69
CA THR A 439 17.42 0.78 -7.43
C THR A 439 17.92 1.77 -6.40
N TYR A 440 16.98 2.43 -5.71
CA TYR A 440 17.29 3.32 -4.58
C TYR A 440 16.52 2.84 -3.36
N LEU A 441 17.24 2.61 -2.27
CA LEU A 441 16.69 1.98 -1.06
C LEU A 441 16.82 2.92 0.12
N TYR A 442 15.76 3.01 0.95
CA TYR A 442 15.78 3.87 2.13
C TYR A 442 15.35 3.09 3.36
N PHE A 443 15.72 3.64 4.52
CA PHE A 443 15.28 3.16 5.82
C PHE A 443 14.78 4.38 6.59
N PHE A 444 13.46 4.51 6.70
CA PHE A 444 12.85 5.66 7.36
C PHE A 444 12.78 5.37 8.86
N ASN A 445 13.49 6.17 9.65
CA ASN A 445 13.54 5.87 11.09
C ASN A 445 13.36 7.13 11.92
N HIS A 446 12.55 8.08 11.44
CA HIS A 446 12.23 9.26 12.21
C HIS A 446 10.87 9.12 12.88
N ARG A 447 10.83 9.28 14.21
CA ARG A 447 9.56 9.33 14.92
C ARG A 447 9.07 10.77 15.00
N ALA A 448 7.88 11.03 14.46
CA ALA A 448 7.36 12.39 14.43
C ALA A 448 7.15 12.94 15.83
N SER A 449 7.45 14.22 16.02
CA SER A 449 7.37 14.85 17.34
CA SER A 449 7.36 14.82 17.34
C SER A 449 5.94 14.91 17.85
N ASN A 450 4.95 14.93 16.96
CA ASN A 450 3.55 15.08 17.31
C ASN A 450 2.78 13.77 17.26
N LEU A 451 3.47 12.64 17.28
CA LEU A 451 2.80 11.34 17.18
C LEU A 451 1.89 11.11 18.38
N VAL A 452 0.65 10.72 18.10
CA VAL A 452 -0.32 10.45 19.17
C VAL A 452 -0.24 9.03 19.72
N TRP A 453 0.48 8.13 19.03
CA TRP A 453 0.65 6.75 19.45
C TRP A 453 1.77 6.65 20.48
N PRO A 454 1.72 5.65 21.37
CA PRO A 454 2.72 5.57 22.44
C PRO A 454 4.14 5.39 21.92
N GLU A 455 5.10 5.75 22.77
CA GLU A 455 6.49 5.74 22.34
C GLU A 455 7.02 4.34 22.08
N TRP A 456 6.47 3.30 22.73
CA TRP A 456 6.97 1.95 22.49
C TRP A 456 6.79 1.51 21.04
N MET A 457 5.81 2.08 20.34
CA MET A 457 5.54 1.69 18.95
C MET A 457 6.54 2.26 17.95
N GLY A 458 7.37 3.23 18.36
CA GLY A 458 8.46 3.66 17.51
C GLY A 458 8.01 4.33 16.22
N VAL A 459 8.65 3.94 15.12
CA VAL A 459 8.38 4.50 13.80
C VAL A 459 7.41 3.55 13.10
N ILE A 460 6.14 3.93 13.10
CA ILE A 460 5.03 3.01 12.86
C ILE A 460 4.78 2.80 11.37
N HIS A 461 4.28 1.61 11.03
CA HIS A 461 3.78 1.29 9.70
C HIS A 461 2.81 2.36 9.21
N GLY A 462 3.14 3.01 8.10
CA GLY A 462 2.29 4.03 7.54
C GLY A 462 2.65 5.46 7.89
N TYR A 463 3.57 5.69 8.83
CA TYR A 463 3.79 7.05 9.30
C TYR A 463 4.94 7.76 8.58
N GLU A 464 5.46 7.18 7.49
CA GLU A 464 6.25 7.98 6.55
C GLU A 464 5.37 8.69 5.53
N ILE A 465 4.12 8.26 5.38
CA ILE A 465 3.25 8.80 4.34
C ILE A 465 3.04 10.30 4.53
N GLU A 466 2.84 10.76 5.78
CA GLU A 466 2.62 12.18 5.99
C GLU A 466 3.81 13.02 5.55
N PHE A 467 5.03 12.45 5.62
CA PHE A 467 6.19 13.17 5.11
C PHE A 467 6.24 13.16 3.59
N VAL A 468 5.82 12.05 2.97
CA VAL A 468 5.78 11.99 1.50
C VAL A 468 4.75 12.99 0.97
N PHE A 469 3.62 13.16 1.67
CA PHE A 469 2.57 14.03 1.16
C PHE A 469 2.65 15.47 1.68
N GLY A 470 3.69 15.80 2.44
CA GLY A 470 3.96 17.19 2.74
C GLY A 470 3.17 17.78 3.89
N LEU A 471 2.54 16.96 4.72
CA LEU A 471 1.80 17.51 5.85
C LEU A 471 2.67 18.34 6.81
N PRO A 472 3.96 18.05 7.03
CA PRO A 472 4.76 18.91 7.92
C PRO A 472 4.93 20.34 7.42
N LEU A 473 4.58 20.64 6.17
CA LEU A 473 4.61 22.02 5.70
C LEU A 473 3.44 22.85 6.21
N VAL A 474 2.45 22.21 6.84
CA VAL A 474 1.27 22.89 7.36
C VAL A 474 1.54 23.25 8.81
N LYS A 475 1.63 24.57 9.08
CA LYS A 475 2.04 25.06 10.40
C LYS A 475 1.11 24.54 11.49
N GLU A 476 -0.19 24.53 11.23
CA GLU A 476 -1.19 24.18 12.21
C GLU A 476 -1.12 22.73 12.66
N LEU A 477 -0.38 21.87 11.95
CA LEU A 477 -0.30 20.46 12.30
C LEU A 477 0.78 20.17 13.33
N ASN A 478 1.58 21.17 13.71
CA ASN A 478 2.45 21.12 14.88
C ASN A 478 3.67 20.23 14.68
N TYR A 479 4.18 20.12 13.46
CA TYR A 479 5.49 19.52 13.25
C TYR A 479 6.59 20.53 13.52
N THR A 480 7.81 20.03 13.69
CA THR A 480 8.95 20.91 13.90
C THR A 480 9.51 21.41 12.58
N ALA A 481 10.38 22.42 12.68
CA ALA A 481 11.05 22.95 11.50
C ALA A 481 11.94 21.90 10.86
N GLU A 482 12.58 21.07 11.69
CA GLU A 482 13.38 19.98 11.13
C GLU A 482 12.50 19.00 10.37
N GLU A 483 11.29 18.77 10.86
CA GLU A 483 10.39 17.84 10.18
C GLU A 483 9.83 18.42 8.89
N GLU A 484 9.58 19.74 8.86
CA GLU A 484 9.26 20.35 7.57
C GLU A 484 10.39 20.18 6.58
N ALA A 485 11.63 20.37 7.03
CA ALA A 485 12.78 20.21 6.14
C ALA A 485 12.91 18.78 5.65
N LEU A 486 12.67 17.81 6.54
CA LEU A 486 12.70 16.42 6.14
C LEU A 486 11.62 16.13 5.10
N SER A 487 10.40 16.63 5.34
CA SER A 487 9.33 16.43 4.37
C SER A 487 9.71 17.02 3.01
N ARG A 488 10.30 18.21 2.99
CA ARG A 488 10.68 18.79 1.70
C ARG A 488 11.75 17.95 1.01
N ARG A 489 12.71 17.42 1.76
CA ARG A 489 13.72 16.56 1.16
CA ARG A 489 13.72 16.56 1.16
C ARG A 489 13.09 15.31 0.56
N ILE A 490 12.16 14.68 1.29
CA ILE A 490 11.54 13.46 0.83
C ILE A 490 10.67 13.71 -0.40
N MET A 491 9.84 14.77 -0.36
CA MET A 491 9.03 15.09 -1.52
C MET A 491 9.90 15.36 -2.74
N HIS A 492 11.05 16.00 -2.53
CA HIS A 492 11.92 16.31 -3.67
C HIS A 492 12.61 15.06 -4.19
N TYR A 493 13.03 14.16 -3.28
CA TYR A 493 13.55 12.86 -3.71
C TYR A 493 12.52 12.12 -4.55
N TRP A 494 11.30 11.99 -4.03
CA TRP A 494 10.25 11.25 -4.72
C TRP A 494 9.96 11.84 -6.10
N ALA A 495 9.73 13.16 -6.16
CA ALA A 495 9.34 13.77 -7.43
C ALA A 495 10.49 13.86 -8.40
N THR A 496 11.72 14.02 -7.91
CA THR A 496 12.87 14.00 -8.81
C THR A 496 13.09 12.59 -9.35
N PHE A 497 12.94 11.57 -8.50
CA PHE A 497 12.96 10.21 -9.00
C PHE A 497 11.88 10.00 -10.04
N ALA A 498 10.66 10.45 -9.76
CA ALA A 498 9.58 10.26 -10.72
C ALA A 498 9.92 10.91 -12.06
N LYS A 499 10.52 12.10 -11.99
CA LYS A 499 10.83 12.86 -13.20
C LYS A 499 11.96 12.23 -14.01
N THR A 500 12.99 11.71 -13.33
CA THR A 500 14.23 11.36 -14.02
C THR A 500 14.71 9.94 -13.81
N GLY A 501 14.15 9.18 -12.87
CA GLY A 501 14.70 7.89 -12.53
C GLY A 501 15.82 7.92 -11.52
N ASN A 502 16.07 9.06 -10.89
CA ASN A 502 17.18 9.28 -9.97
C ASN A 502 16.72 10.31 -8.95
N PRO A 503 16.68 9.99 -7.65
CA PRO A 503 16.17 10.98 -6.68
C PRO A 503 17.09 12.17 -6.48
N ASN A 504 18.33 12.10 -6.96
CA ASN A 504 19.34 13.14 -6.75
C ASN A 504 19.24 14.17 -7.87
N GLU A 505 19.28 15.43 -7.49
CA GLU A 505 19.38 16.47 -8.50
C GLU A 505 20.82 16.55 -9.00
N PRO A 506 21.05 16.53 -10.31
CA PRO A 506 22.41 16.70 -10.80
C PRO A 506 22.90 18.10 -10.54
N HIS A 507 24.23 18.25 -10.54
CA HIS A 507 24.93 19.52 -10.34
C HIS A 507 24.74 20.08 -8.94
N SER A 508 23.99 19.43 -8.07
CA SER A 508 23.79 19.91 -6.72
C SER A 508 24.86 19.34 -5.79
N GLN A 509 25.17 20.09 -4.74
CA GLN A 509 26.21 19.69 -3.80
C GLN A 509 25.65 19.06 -2.52
N GLU A 510 24.36 18.73 -2.51
CA GLU A 510 23.81 17.92 -1.43
C GLU A 510 24.42 16.53 -1.48
N SER A 511 24.45 15.86 -0.33
CA SER A 511 24.96 14.48 -0.30
C SER A 511 24.08 13.60 -1.17
N LYS A 512 24.72 12.64 -1.85
CA LYS A 512 24.04 11.83 -2.85
C LYS A 512 23.53 10.54 -2.23
N TRP A 513 22.27 10.23 -2.51
CA TRP A 513 21.68 8.93 -2.26
C TRP A 513 22.22 7.94 -3.28
N PRO A 514 23.07 6.98 -2.90
CA PRO A 514 23.70 6.12 -3.91
C PRO A 514 22.73 5.07 -4.43
N LEU A 515 23.01 4.61 -5.65
CA LEU A 515 22.34 3.42 -6.17
C LEU A 515 22.58 2.22 -5.27
N PHE A 516 21.53 1.42 -5.08
CA PHE A 516 21.67 0.09 -4.49
C PHE A 516 22.20 -0.84 -5.58
N THR A 517 23.33 -1.47 -5.33
CA THR A 517 23.90 -2.45 -6.25
C THR A 517 23.97 -3.82 -5.61
N THR A 518 23.94 -4.84 -6.46
CA THR A 518 24.07 -6.23 -5.99
C THR A 518 25.30 -6.40 -5.12
N LYS A 519 26.41 -5.75 -5.50
CA LYS A 519 27.66 -5.98 -4.78
C LYS A 519 27.72 -5.20 -3.47
N GLU A 520 27.39 -3.90 -3.49
CA GLU A 520 27.60 -3.10 -2.29
C GLU A 520 26.34 -2.83 -1.47
N GLN A 521 25.15 -2.96 -2.06
CA GLN A 521 23.88 -3.01 -1.30
C GLN A 521 23.71 -1.79 -0.39
N LYS A 522 24.00 -0.62 -0.91
CA LYS A 522 23.93 0.60 -0.13
C LYS A 522 22.50 1.11 -0.01
N PHE A 523 22.22 1.74 1.13
CA PHE A 523 20.95 2.42 1.37
C PHE A 523 21.22 3.63 2.25
N ILE A 524 20.22 4.50 2.36
CA ILE A 524 20.32 5.67 3.22
C ILE A 524 19.26 5.62 4.30
N ASP A 525 19.57 6.23 5.42
CA ASP A 525 18.56 6.55 6.42
C ASP A 525 17.82 7.81 6.00
N LEU A 526 16.53 7.85 6.29
CA LEU A 526 15.71 9.03 6.08
C LEU A 526 15.28 9.55 7.44
N ASN A 527 15.88 10.63 7.90
CA ASN A 527 15.52 11.23 9.19
C ASN A 527 16.00 12.68 9.17
N THR A 528 15.98 13.33 10.34
CA THR A 528 16.29 14.76 10.42
C THR A 528 17.77 15.06 10.55
N GLU A 529 18.61 14.06 10.72
CA GLU A 529 20.05 14.26 10.80
C GLU A 529 20.67 14.17 9.42
N PRO A 530 21.94 14.57 9.27
CA PRO A 530 22.57 14.50 7.94
C PRO A 530 22.61 13.08 7.40
N MET A 531 22.40 12.96 6.10
CA MET A 531 22.28 11.66 5.43
C MET A 531 23.47 10.76 5.75
N LYS A 532 23.17 9.53 6.14
CA LYS A 532 24.19 8.50 6.33
C LYS A 532 23.91 7.35 5.38
N VAL A 533 24.97 6.83 4.79
CA VAL A 533 24.88 5.68 3.90
C VAL A 533 25.25 4.44 4.69
N HIS A 534 24.47 3.38 4.54
CA HIS A 534 24.74 2.10 5.16
C HIS A 534 24.71 1.03 4.11
N GLN A 535 25.01 -0.20 4.52
CA GLN A 535 25.02 -1.34 3.61
C GLN A 535 24.32 -2.52 4.27
N ARG A 536 23.69 -3.36 3.44
CA ARG A 536 23.12 -4.65 3.83
C ARG A 536 22.08 -4.50 4.95
N LEU A 537 20.97 -3.86 4.57
CA LEU A 537 19.88 -3.60 5.50
C LEU A 537 19.40 -4.90 6.15
N ARG A 538 19.58 -4.98 7.47
CA ARG A 538 19.12 -6.09 8.30
C ARG A 538 19.47 -7.45 7.67
N VAL A 539 20.71 -7.56 7.19
CA VAL A 539 21.11 -8.75 6.44
C VAL A 539 21.07 -10.00 7.31
N GLN A 540 21.49 -9.89 8.58
CA GLN A 540 21.54 -11.06 9.45
C GLN A 540 20.15 -11.68 9.60
N MET A 541 19.15 -10.87 9.96
CA MET A 541 17.81 -11.40 10.11
C MET A 541 17.22 -11.84 8.79
N CYS A 542 17.57 -11.18 7.69
CA CYS A 542 16.92 -11.59 6.45
C CYS A 542 17.53 -12.86 5.88
N VAL A 543 18.79 -13.19 6.19
CA VAL A 543 19.27 -14.54 5.90
C VAL A 543 18.42 -15.56 6.65
N PHE A 544 18.08 -15.26 7.91
CA PHE A 544 17.24 -16.18 8.67
C PHE A 544 15.87 -16.35 8.00
N TRP A 545 15.19 -15.24 7.69
CA TRP A 545 13.84 -15.33 7.14
C TRP A 545 13.82 -15.78 5.68
N ASN A 546 14.81 -15.38 4.88
CA ASN A 546 14.71 -15.65 3.44
C ASN A 546 15.38 -16.95 3.03
N GLN A 547 16.32 -17.46 3.81
CA GLN A 547 17.08 -18.64 3.43
C GLN A 547 16.91 -19.78 4.43
N PHE A 548 17.20 -19.53 5.71
CA PHE A 548 17.25 -20.65 6.65
C PHE A 548 15.86 -21.14 7.04
N LEU A 549 14.98 -20.24 7.51
CA LEU A 549 13.69 -20.72 7.99
C LEU A 549 12.87 -21.41 6.90
N PRO A 550 12.79 -20.89 5.66
CA PRO A 550 12.10 -21.67 4.61
C PRO A 550 12.68 -23.06 4.41
N LYS A 551 14.01 -23.18 4.48
CA LYS A 551 14.63 -24.49 4.32
C LYS A 551 14.26 -25.41 5.46
N LEU A 552 14.26 -24.89 6.69
CA LEU A 552 13.87 -25.67 7.85
C LEU A 552 12.44 -26.18 7.71
N LEU A 553 11.50 -25.28 7.38
CA LEU A 553 10.10 -25.66 7.29
C LEU A 553 9.84 -26.63 6.15
N ASN A 554 10.62 -26.55 5.06
CA ASN A 554 10.42 -27.47 3.95
C ASN A 554 10.90 -28.87 4.30
N ALA A 555 12.00 -28.98 5.05
CA ALA A 555 12.49 -30.29 5.44
C ALA A 555 11.67 -30.90 6.56
N THR A 556 10.89 -30.09 7.26
CA THR A 556 10.01 -30.57 8.32
C THR A 556 8.56 -30.15 8.04
CAN 8U2 B . -3.00 1.95 5.99
CAM 8U2 B . -3.86 1.71 7.23
CAS 8U2 B . -4.34 0.27 7.13
CAH 8U2 B . -3.14 1.87 8.44
CAI 8U2 B . -3.83 1.93 9.65
NAL 8U2 B . -5.16 1.89 9.66
CAB 8U2 B . -3.17 2.07 10.87
CAA 8U2 B . -3.86 2.15 12.08
CAF 8U2 B . -3.16 2.27 13.28
CAE 8U2 B . -1.76 2.32 13.25
CL1 8U2 B . -0.88 2.45 14.72
CAD 8U2 B . -1.08 2.24 12.04
CAC 8U2 B . -1.79 2.11 10.85
NAJ 8U2 B . -1.13 2.04 9.66
CAG 8U2 B . -1.76 1.90 8.48
CAP 8U2 B . -0.98 1.83 7.30
CAO 8U2 B . -1.74 1.13 6.17
CAQ 8U2 B . -2.06 -0.24 6.42
CAR 8U2 B . -3.31 -0.64 6.93
CAT 8U2 B . -3.67 -2.00 7.14
CAU 8U2 B . -2.62 -2.86 7.80
CAV 8U2 B . -3.23 -4.23 8.12
CAW 8U2 B . -3.76 -4.30 9.56
NAZ 8U2 B . -3.96 -5.71 10.05
CAX 8U2 B . -5.11 -6.27 10.46
NBA 8U2 B . -3.05 -6.58 10.14
NBB 8U2 B . -3.50 -7.69 10.59
CAY 8U2 B . -4.80 -7.52 10.79
CBC 8U2 B . -5.76 -8.59 11.34
CBD 8U2 B . -5.36 -8.93 12.78
OBM 8U2 B . -4.23 -9.36 13.03
NBL 8U2 B . -6.28 -8.72 13.71
CBE 8U2 B . -6.02 -8.99 15.13
CBF 8U2 B . -7.23 -8.98 15.82
CBK 8U2 B . -7.94 -7.78 15.92
CBG 8U2 B . -7.74 -10.15 16.39
CBH 8U2 B . -8.95 -10.14 17.07
CBI 8U2 B . -9.66 -8.94 17.17
OBN 8U2 B . -10.86 -8.84 17.82
CBJ 8U2 B . -9.16 -7.76 16.60
OBO 8U2 B . -9.91 -6.63 16.73
CBP 8U2 B . -9.38 -5.53 15.97
C1 PEG C . -2.73 -21.03 -11.32
O1 PEG C . -3.66 -22.05 -11.57
C2 PEG C . -1.35 -21.42 -11.84
O2 PEG C . -0.39 -20.49 -11.41
C3 PEG C . 0.85 -21.05 -11.10
C4 PEG C . 0.89 -21.39 -9.62
O4 PEG C . 2.10 -22.01 -9.31
C1 PEG D . -9.48 -8.39 12.49
O1 PEG D . -10.30 -8.69 13.59
C2 PEG D . -9.45 -6.89 12.21
O2 PEG D . -8.25 -6.38 12.72
C3 PEG D . -7.83 -5.16 12.19
C4 PEG D . -6.58 -4.72 12.96
O4 PEG D . -5.89 -3.74 12.24
CL CL E . 11.02 1.69 20.27
#